data_3SWM
#
_entry.id   3SWM
#
_cell.length_a   68.530
_cell.length_b   109.070
_cell.length_c   173.940
_cell.angle_alpha   90.00
_cell.angle_beta   90.00
_cell.angle_gamma   90.00
#
_symmetry.space_group_name_H-M   'P 21 21 21'
#
loop_
_entity.id
_entity.type
_entity.pdbx_description
1 polymer 'NAC domain-containing protein 19'
2 polymer 'oligonucleotide forward'
3 polymer 'oligonucleotide reverse'
4 non-polymer 'GOLD ION'
#
loop_
_entity_poly.entity_id
_entity_poly.type
_entity_poly.pdbx_seq_one_letter_code
_entity_poly.pdbx_strand_id
1 'polypeptide(L)'
;HHHHHHMGIQETDPLTQLSLPPGFRFYPTDEELMVQYLCRKAAGYDFSLQLIAEIDLYKFDPWVLPNKALFGEKEWYFFS
PRDRKYPNGSRPNRVAGSGYWKATGTDKIISTEGQRVGIKKALVFYIGKAPKGTKTNWIMHEYRLIEPSRRNGSTKLDDW
VLCRIYKKQSSAQK
;
A,B,C,D
2 'polydeoxyribonucleotide'
;(DG)(DT)(DC)(DT)(DT)(DG)(DC)(DG)(DT)(DG)(DT)(DT)(DG)(DG)(DA)(DA)(DC)(DA)(DC)(DG)
(DC)(DA)(DA)(DC)(DA)(DG)
;
E
3 'polydeoxyribonucleotide'
;(DC)(DC)(DT)(DG)(DT)(DT)(DG)(DC)(DG)(DT)(DG)(DT)(DT)(DC)(DC)(DA)(DA)(DC)(DA)(DC)
(DG)(DC)(DA)(DA)(DG)(DA)
;
F
#
loop_
_chem_comp.id
_chem_comp.type
_chem_comp.name
_chem_comp.formula
AU non-polymer 'GOLD ION' 'Au 1'
DA DNA linking 2'-DEOXYADENOSINE-5'-MONOPHOSPHATE 'C10 H14 N5 O6 P'
DC DNA linking 2'-DEOXYCYTIDINE-5'-MONOPHOSPHATE 'C9 H14 N3 O7 P'
DG DNA linking 2'-DEOXYGUANOSINE-5'-MONOPHOSPHATE 'C10 H14 N5 O7 P'
DT DNA linking THYMIDINE-5'-MONOPHOSPHATE 'C10 H15 N2 O8 P'
#
# COMPACT_ATOMS: atom_id res chain seq x y z
N PRO A 14 -35.81 3.58 -15.04
CA PRO A 14 -35.37 2.18 -15.17
C PRO A 14 -35.01 1.60 -13.80
N LEU A 15 -34.81 2.47 -12.83
CA LEU A 15 -34.73 2.07 -11.44
C LEU A 15 -36.03 2.40 -10.77
N THR A 16 -36.84 3.21 -11.46
CA THR A 16 -37.94 3.88 -10.81
C THR A 16 -39.15 2.97 -10.52
N GLN A 17 -39.66 2.28 -11.55
CA GLN A 17 -40.81 1.39 -11.38
C GLN A 17 -40.49 0.26 -10.42
N LEU A 18 -39.37 0.40 -9.71
CA LEU A 18 -39.07 -0.42 -8.56
C LEU A 18 -39.70 0.20 -7.33
N SER A 19 -39.98 1.50 -7.43
CA SER A 19 -40.57 2.22 -6.33
C SER A 19 -39.66 2.10 -5.12
N LEU A 20 -38.48 1.52 -5.35
CA LEU A 20 -37.46 1.40 -4.33
C LEU A 20 -37.73 2.47 -3.28
N PRO A 21 -37.79 2.04 -1.99
CA PRO A 21 -37.72 3.10 -0.98
C PRO A 21 -36.40 3.81 -1.02
N PRO A 22 -36.38 5.05 -0.53
CA PRO A 22 -35.17 5.86 -0.40
C PRO A 22 -34.17 5.13 0.48
N GLY A 23 -32.90 5.27 0.12
CA GLY A 23 -31.74 4.80 0.86
C GLY A 23 -31.16 3.49 0.34
N PHE A 24 -31.97 2.78 -0.46
CA PHE A 24 -31.63 1.51 -1.09
C PHE A 24 -30.88 1.61 -2.43
N ARG A 25 -29.75 0.93 -2.49
CA ARG A 25 -28.82 0.88 -3.62
C ARG A 25 -28.26 -0.50 -3.91
N PHE A 26 -27.64 -0.63 -5.06
CA PHE A 26 -27.18 -1.87 -5.64
C PHE A 26 -25.79 -2.03 -5.08
N TYR A 27 -25.62 -2.95 -4.16
CA TYR A 27 -24.31 -3.23 -3.60
C TYR A 27 -24.21 -4.68 -3.61
N PRO A 28 -24.04 -5.19 -4.81
CA PRO A 28 -24.06 -6.61 -5.02
C PRO A 28 -22.73 -7.11 -4.53
N THR A 29 -22.72 -8.33 -3.98
CA THR A 29 -21.49 -9.02 -3.64
C THR A 29 -20.85 -9.55 -4.89
N ASP A 30 -19.58 -9.90 -4.79
CA ASP A 30 -18.93 -10.47 -5.94
C ASP A 30 -19.66 -11.73 -6.39
N GLU A 31 -20.19 -12.42 -5.43
CA GLU A 31 -20.86 -13.65 -5.72
C GLU A 31 -22.20 -13.48 -6.43
N GLU A 32 -22.97 -12.47 -6.09
CA GLU A 32 -24.22 -12.25 -6.80
C GLU A 32 -24.03 -11.85 -8.24
N LEU A 33 -23.04 -11.02 -8.49
CA LEU A 33 -22.75 -10.60 -9.86
C LEU A 33 -22.46 -11.90 -10.56
N MET A 34 -21.68 -12.77 -9.92
CA MET A 34 -21.41 -13.98 -10.64
C MET A 34 -22.68 -14.75 -10.83
N VAL A 35 -23.44 -15.04 -9.76
CA VAL A 35 -24.55 -15.99 -9.87
C VAL A 35 -25.86 -15.54 -10.43
N GLN A 36 -26.29 -14.41 -9.95
CA GLN A 36 -27.59 -13.88 -10.25
C GLN A 36 -27.55 -13.05 -11.52
N TYR A 37 -26.36 -12.58 -11.84
CA TYR A 37 -26.16 -11.78 -13.02
C TYR A 37 -25.46 -12.59 -14.08
N LEU A 38 -24.20 -12.95 -13.86
CA LEU A 38 -23.47 -13.62 -14.91
C LEU A 38 -24.09 -14.97 -15.37
N CYS A 39 -24.40 -15.85 -14.42
CA CYS A 39 -25.11 -17.10 -14.73
C CYS A 39 -26.47 -16.93 -15.40
N ARG A 40 -27.30 -16.02 -14.91
CA ARG A 40 -28.63 -15.85 -15.48
C ARG A 40 -28.58 -15.45 -16.93
N LYS A 41 -27.69 -14.53 -17.23
CA LYS A 41 -27.66 -14.17 -18.61
C LYS A 41 -27.08 -15.27 -19.47
N ALA A 42 -26.05 -15.88 -18.94
CA ALA A 42 -25.42 -16.88 -19.73
C ALA A 42 -26.21 -18.12 -19.97
N ALA A 43 -27.00 -18.63 -19.02
CA ALA A 43 -27.79 -19.80 -19.37
C ALA A 43 -28.86 -19.29 -20.27
N GLY A 44 -28.81 -17.97 -20.42
CA GLY A 44 -29.70 -17.23 -21.27
C GLY A 44 -31.08 -17.02 -20.71
N TYR A 45 -31.23 -17.26 -19.44
CA TYR A 45 -32.50 -16.97 -18.85
C TYR A 45 -32.63 -15.43 -18.71
N ASP A 46 -33.87 -14.98 -18.85
CA ASP A 46 -34.37 -13.62 -18.68
C ASP A 46 -34.48 -12.95 -17.30
N PHE A 47 -34.53 -11.61 -17.33
CA PHE A 47 -34.80 -10.76 -16.16
C PHE A 47 -36.12 -9.99 -16.21
N SER A 48 -36.72 -9.87 -15.03
CA SER A 48 -37.90 -9.06 -14.78
C SER A 48 -37.74 -7.71 -15.44
N LEU A 49 -36.62 -7.06 -15.20
CA LEU A 49 -36.38 -5.83 -15.88
C LEU A 49 -35.00 -5.98 -16.40
N GLN A 50 -34.66 -5.31 -17.50
CA GLN A 50 -33.27 -5.27 -17.86
C GLN A 50 -32.65 -4.25 -17.01
N LEU A 51 -31.72 -4.70 -16.20
CA LEU A 51 -30.96 -3.81 -15.38
C LEU A 51 -29.57 -3.61 -15.86
N ILE A 52 -28.92 -4.68 -16.20
CA ILE A 52 -27.56 -4.50 -16.62
C ILE A 52 -27.50 -4.56 -18.10
N ALA A 53 -27.22 -3.44 -18.75
CA ALA A 53 -27.37 -3.47 -20.20
C ALA A 53 -26.16 -4.08 -20.91
N GLU A 54 -26.44 -4.56 -22.13
CA GLU A 54 -25.46 -5.08 -23.04
C GLU A 54 -24.90 -3.89 -23.71
N ILE A 55 -23.59 -3.93 -23.87
CA ILE A 55 -22.82 -2.91 -24.52
C ILE A 55 -21.55 -3.48 -25.03
N ASP A 56 -21.00 -2.94 -26.10
CA ASP A 56 -19.63 -3.33 -26.33
C ASP A 56 -18.67 -2.38 -25.67
N LEU A 57 -18.17 -2.76 -24.52
CA LEU A 57 -17.31 -1.87 -23.72
C LEU A 57 -16.02 -1.49 -24.41
N TYR A 58 -15.52 -2.32 -25.29
CA TYR A 58 -14.22 -2.04 -25.89
C TYR A 58 -14.27 -1.09 -27.12
N LYS A 59 -15.46 -0.61 -27.44
CA LYS A 59 -15.62 0.43 -28.46
C LYS A 59 -15.50 1.82 -27.92
N PHE A 60 -15.35 1.97 -26.62
CA PHE A 60 -15.48 3.27 -25.95
C PHE A 60 -14.36 3.77 -25.04
N ASP A 61 -14.36 5.08 -24.90
CA ASP A 61 -13.63 5.77 -23.85
C ASP A 61 -14.45 5.55 -22.56
N PRO A 62 -13.77 5.24 -21.46
CA PRO A 62 -14.57 5.01 -20.25
C PRO A 62 -15.49 6.13 -19.85
N TRP A 63 -15.09 7.35 -20.14
CA TRP A 63 -15.86 8.50 -19.67
C TRP A 63 -17.19 8.74 -20.36
N VAL A 64 -17.40 8.10 -21.49
CA VAL A 64 -18.71 8.12 -22.10
C VAL A 64 -19.53 6.93 -21.63
N LEU A 65 -18.86 5.99 -21.03
CA LEU A 65 -19.65 4.86 -20.68
C LEU A 65 -20.80 5.03 -19.74
N PRO A 66 -20.60 5.84 -18.71
CA PRO A 66 -21.64 6.15 -17.74
C PRO A 66 -22.97 6.56 -18.30
N ASN A 67 -22.94 7.23 -19.40
CA ASN A 67 -24.17 7.66 -19.98
C ASN A 67 -24.95 6.51 -20.56
N LYS A 68 -24.24 5.43 -20.89
CA LYS A 68 -24.89 4.27 -21.52
C LYS A 68 -25.48 3.21 -20.56
N ALA A 69 -25.09 3.24 -19.31
CA ALA A 69 -25.56 2.30 -18.33
C ALA A 69 -26.96 2.74 -17.89
N LEU A 70 -27.90 1.83 -17.66
CA LEU A 70 -29.26 2.26 -17.26
C LEU A 70 -29.46 2.78 -15.84
N PHE A 71 -28.50 2.64 -14.94
CA PHE A 71 -28.68 3.23 -13.63
C PHE A 71 -27.30 3.23 -13.02
N GLY A 72 -27.13 4.00 -11.96
CA GLY A 72 -25.84 4.08 -11.31
C GLY A 72 -25.36 5.51 -11.28
N GLU A 73 -24.82 5.90 -10.14
CA GLU A 73 -24.27 7.21 -9.95
C GLU A 73 -22.77 7.29 -10.06
N LYS A 74 -22.06 6.31 -9.50
CA LYS A 74 -20.61 6.30 -9.53
C LYS A 74 -20.03 4.98 -10.00
N GLU A 75 -20.88 3.97 -10.13
CA GLU A 75 -20.48 2.68 -10.67
C GLU A 75 -21.53 2.39 -11.67
N TRP A 76 -21.17 1.78 -12.77
CA TRP A 76 -22.15 1.45 -13.82
C TRP A 76 -21.85 0.06 -14.19
N TYR A 77 -22.83 -0.78 -14.52
CA TYR A 77 -22.39 -2.13 -14.82
C TYR A 77 -22.73 -2.55 -16.24
N PHE A 78 -21.87 -3.36 -16.86
CA PHE A 78 -22.21 -3.82 -18.21
C PHE A 78 -21.85 -5.25 -18.57
N PHE A 79 -22.53 -5.73 -19.62
CA PHE A 79 -22.15 -6.94 -20.29
C PHE A 79 -21.57 -6.74 -21.68
N SER A 80 -20.42 -7.36 -21.85
CA SER A 80 -19.66 -7.36 -23.08
C SER A 80 -19.18 -8.64 -23.64
N PRO A 81 -19.12 -8.75 -24.97
CA PRO A 81 -18.74 -10.02 -25.57
C PRO A 81 -17.35 -10.39 -25.08
N ARG A 82 -17.24 -11.66 -24.70
CA ARG A 82 -16.02 -12.30 -24.22
C ARG A 82 -15.02 -12.40 -25.36
N ASP A 83 -13.75 -12.15 -25.07
CA ASP A 83 -12.70 -12.09 -26.09
C ASP A 83 -12.24 -13.48 -26.54
N ARG A 84 -12.38 -13.66 -27.87
CA ARG A 84 -12.03 -14.87 -28.62
C ARG A 84 -10.83 -14.72 -29.57
N PRO A 92 -5.56 -8.89 -24.17
CA PRO A 92 -4.37 -8.30 -23.54
C PRO A 92 -4.17 -6.81 -23.92
N ASN A 93 -4.07 -5.92 -22.93
CA ASN A 93 -3.98 -4.46 -23.13
C ASN A 93 -4.87 -4.33 -24.34
N ARG A 94 -6.08 -4.80 -24.24
CA ARG A 94 -6.95 -4.73 -25.37
C ARG A 94 -7.29 -3.27 -25.53
N VAL A 95 -7.13 -2.82 -26.74
CA VAL A 95 -7.36 -1.43 -27.05
C VAL A 95 -8.81 -1.12 -26.90
N ALA A 96 -9.13 0.02 -26.34
CA ALA A 96 -10.50 0.44 -26.42
C ALA A 96 -10.50 1.95 -26.50
N GLY A 97 -11.10 2.44 -27.57
CA GLY A 97 -11.13 3.87 -27.83
C GLY A 97 -9.81 4.59 -27.95
N SER A 98 -9.63 5.63 -27.16
CA SER A 98 -8.45 6.44 -27.28
C SER A 98 -7.34 5.93 -26.43
N GLY A 99 -7.51 4.72 -25.94
CA GLY A 99 -6.57 4.23 -24.96
C GLY A 99 -6.42 2.73 -24.97
N TYR A 100 -6.07 2.20 -23.82
CA TYR A 100 -5.88 0.78 -23.67
C TYR A 100 -6.08 0.56 -22.21
N TRP A 101 -6.58 -0.62 -21.86
CA TRP A 101 -6.82 -1.01 -20.48
C TRP A 101 -5.69 -1.88 -20.00
N LYS A 102 -5.13 -1.57 -18.85
CA LYS A 102 -4.04 -2.39 -18.35
C LYS A 102 -4.47 -3.16 -17.11
N ALA A 103 -4.24 -4.44 -17.18
CA ALA A 103 -4.52 -5.37 -16.13
C ALA A 103 -3.72 -5.07 -14.87
N THR A 104 -4.33 -5.27 -13.71
CA THR A 104 -3.62 -4.99 -12.48
C THR A 104 -3.83 -5.90 -11.30
N GLY A 105 -2.85 -5.85 -10.41
CA GLY A 105 -2.93 -6.60 -9.19
C GLY A 105 -2.89 -8.01 -9.74
N THR A 106 -3.41 -8.94 -8.96
CA THR A 106 -3.37 -10.36 -9.26
C THR A 106 -4.83 -10.55 -9.44
N ASP A 107 -5.21 -11.09 -10.57
CA ASP A 107 -6.60 -11.34 -10.86
C ASP A 107 -7.05 -12.28 -9.77
N LYS A 108 -8.23 -11.95 -9.26
CA LYS A 108 -8.87 -12.59 -8.14
C LYS A 108 -10.02 -13.50 -8.49
N ILE A 109 -10.15 -14.57 -7.67
CA ILE A 109 -11.21 -15.60 -7.67
C ILE A 109 -12.48 -15.52 -6.82
N ILE A 110 -13.63 -15.72 -7.46
CA ILE A 110 -14.93 -15.82 -6.78
C ILE A 110 -15.42 -17.20 -6.50
N SER A 111 -15.81 -17.46 -5.25
CA SER A 111 -16.24 -18.80 -4.90
C SER A 111 -17.67 -18.79 -4.42
N THR A 112 -18.40 -19.88 -4.61
CA THR A 112 -19.71 -20.01 -3.96
C THR A 112 -19.92 -21.39 -3.41
N GLU A 113 -20.21 -21.46 -2.13
CA GLU A 113 -20.42 -22.75 -1.56
C GLU A 113 -19.31 -23.67 -1.96
N GLY A 114 -18.08 -23.21 -1.82
CA GLY A 114 -16.91 -24.02 -2.11
C GLY A 114 -16.62 -24.39 -3.55
N GLN A 115 -17.34 -23.79 -4.50
CA GLN A 115 -17.06 -24.02 -5.90
C GLN A 115 -16.51 -22.73 -6.50
N ARG A 116 -15.46 -22.88 -7.29
CA ARG A 116 -14.96 -21.72 -7.97
C ARG A 116 -15.87 -21.50 -9.15
N VAL A 117 -16.40 -20.30 -9.29
CA VAL A 117 -17.28 -20.02 -10.40
C VAL A 117 -16.76 -18.92 -11.35
N GLY A 118 -15.97 -17.98 -10.81
CA GLY A 118 -15.47 -16.82 -11.55
C GLY A 118 -14.17 -16.13 -11.16
N ILE A 119 -13.66 -15.31 -12.07
CA ILE A 119 -12.52 -14.45 -11.75
C ILE A 119 -12.88 -12.97 -11.82
N LYS A 120 -12.51 -12.20 -10.79
CA LYS A 120 -12.67 -10.76 -10.86
C LYS A 120 -11.26 -10.26 -11.16
N LYS A 121 -11.17 -9.48 -12.25
CA LYS A 121 -9.91 -8.91 -12.70
C LYS A 121 -10.15 -7.41 -12.81
N ALA A 122 -9.23 -6.66 -12.23
CA ALA A 122 -9.19 -5.20 -12.24
C ALA A 122 -8.45 -4.49 -13.41
N LEU A 123 -9.00 -3.36 -13.85
CA LEU A 123 -8.25 -2.57 -14.78
C LEU A 123 -8.23 -1.07 -14.54
N VAL A 124 -7.22 -0.50 -15.16
CA VAL A 124 -6.94 0.88 -15.15
C VAL A 124 -6.84 1.29 -16.55
N PHE A 125 -7.38 2.47 -16.82
CA PHE A 125 -7.34 3.01 -18.15
C PHE A 125 -6.07 3.78 -18.38
N TYR A 126 -5.34 3.48 -19.45
CA TYR A 126 -4.27 4.37 -19.86
C TYR A 126 -4.77 4.99 -21.12
N ILE A 127 -4.57 6.29 -21.23
CA ILE A 127 -4.86 6.99 -22.45
C ILE A 127 -3.65 6.98 -23.31
N GLY A 128 -3.83 6.68 -24.59
CA GLY A 128 -2.69 6.72 -25.48
C GLY A 128 -2.31 5.40 -26.07
N LYS A 129 -1.03 5.29 -26.38
CA LYS A 129 -0.57 4.15 -27.11
C LYS A 129 0.44 3.50 -26.14
N ALA A 130 0.24 2.22 -25.88
CA ALA A 130 1.09 1.41 -24.98
C ALA A 130 2.57 1.26 -25.37
N PRO A 131 3.48 1.19 -24.38
CA PRO A 131 3.26 1.34 -22.94
C PRO A 131 3.68 2.72 -22.46
N LYS A 132 3.36 3.73 -23.25
CA LYS A 132 3.78 5.08 -22.99
C LYS A 132 2.56 5.90 -22.74
N GLY A 133 1.50 5.23 -22.37
CA GLY A 133 0.24 5.89 -22.21
C GLY A 133 0.24 6.50 -20.83
N THR A 134 -0.76 7.33 -20.53
CA THR A 134 -0.90 7.86 -19.17
C THR A 134 -2.12 7.45 -18.38
N LYS A 135 -1.83 7.00 -17.18
CA LYS A 135 -2.78 6.50 -16.26
C LYS A 135 -3.85 7.48 -15.86
N THR A 136 -5.09 7.00 -15.73
CA THR A 136 -6.20 7.74 -15.12
C THR A 136 -6.75 7.01 -13.87
N ASN A 137 -7.75 7.62 -13.25
CA ASN A 137 -8.44 7.00 -12.15
C ASN A 137 -9.62 6.20 -12.64
N TRP A 138 -9.74 6.01 -13.95
CA TRP A 138 -10.82 5.18 -14.47
C TRP A 138 -10.60 3.69 -14.32
N ILE A 139 -11.52 3.05 -13.62
CA ILE A 139 -11.44 1.64 -13.35
C ILE A 139 -12.52 0.74 -13.93
N MET A 140 -12.05 -0.46 -14.35
CA MET A 140 -12.91 -1.55 -14.72
C MET A 140 -12.61 -2.76 -13.87
N HIS A 141 -13.68 -3.41 -13.43
CA HIS A 141 -13.68 -4.72 -12.86
C HIS A 141 -14.38 -5.63 -13.81
N GLU A 142 -13.64 -6.64 -14.28
CA GLU A 142 -14.14 -7.62 -15.23
C GLU A 142 -14.39 -8.93 -14.59
N TYR A 143 -15.66 -9.30 -14.54
CA TYR A 143 -15.99 -10.60 -14.01
C TYR A 143 -16.11 -11.58 -15.17
N ARG A 144 -15.49 -12.75 -14.99
CA ARG A 144 -15.56 -13.81 -16.00
C ARG A 144 -15.84 -15.15 -15.38
N LEU A 145 -16.47 -16.01 -16.18
CA LEU A 145 -16.76 -17.35 -15.75
C LEU A 145 -15.54 -18.28 -15.78
N ILE A 146 -15.37 -19.02 -14.71
CA ILE A 146 -14.41 -20.09 -14.65
C ILE A 146 -14.85 -21.13 -15.63
N GLU A 147 -13.94 -21.82 -16.31
CA GLU A 147 -14.41 -22.90 -17.18
C GLU A 147 -13.31 -23.89 -17.60
N PRO A 148 -13.70 -25.10 -18.06
CA PRO A 148 -12.95 -26.29 -18.52
C PRO A 148 -12.46 -26.20 -19.95
N SER A 149 -11.35 -26.83 -20.32
CA SER A 149 -10.89 -26.74 -21.72
C SER A 149 -11.85 -27.41 -22.69
N ASP A 158 -23.28 -17.24 -27.03
CA ASP A 158 -23.84 -16.41 -25.95
C ASP A 158 -22.88 -16.24 -24.75
N ASP A 159 -21.70 -15.65 -25.03
CA ASP A 159 -20.49 -15.71 -24.19
C ASP A 159 -20.14 -14.26 -23.72
N TRP A 160 -20.49 -13.91 -22.48
CA TRP A 160 -20.32 -12.57 -21.95
C TRP A 160 -19.42 -12.51 -20.73
N VAL A 161 -18.85 -11.34 -20.52
CA VAL A 161 -18.29 -10.93 -19.24
C VAL A 161 -19.11 -9.87 -18.57
N LEU A 162 -18.99 -9.79 -17.26
CA LEU A 162 -19.68 -8.74 -16.56
C LEU A 162 -18.68 -7.73 -16.02
N CYS A 163 -18.89 -6.42 -16.27
CA CYS A 163 -17.90 -5.39 -15.93
C CYS A 163 -18.51 -4.33 -15.04
N ARG A 164 -17.81 -4.08 -13.95
CA ARG A 164 -18.09 -2.93 -13.16
C ARG A 164 -17.16 -1.88 -13.70
N ILE A 165 -17.70 -0.67 -13.99
CA ILE A 165 -16.94 0.56 -14.34
C ILE A 165 -17.04 1.62 -13.31
N TYR A 166 -15.91 2.22 -12.92
CA TYR A 166 -16.04 3.40 -12.11
C TYR A 166 -14.90 4.32 -12.20
N LYS A 167 -15.07 5.56 -11.72
CA LYS A 167 -13.98 6.51 -11.70
C LYS A 167 -13.64 6.74 -10.22
N LYS A 168 -12.40 6.45 -9.88
CA LYS A 168 -11.81 6.62 -8.56
C LYS A 168 -11.81 7.98 -7.97
N GLN A 169 -11.99 8.06 -6.67
CA GLN A 169 -11.81 9.35 -5.99
C GLN A 169 -12.87 10.45 -6.19
N PRO B 14 -39.81 -7.60 6.35
CA PRO B 14 -40.21 -6.23 6.02
C PRO B 14 -39.63 -5.75 4.67
N LEU B 15 -38.76 -6.56 4.09
CA LEU B 15 -38.16 -6.36 2.77
C LEU B 15 -38.95 -6.91 1.60
N THR B 16 -39.49 -8.10 1.78
CA THR B 16 -40.20 -8.82 0.73
C THR B 16 -41.53 -8.26 0.22
N GLN B 17 -42.19 -7.39 0.97
CA GLN B 17 -43.27 -6.56 0.40
C GLN B 17 -42.76 -5.66 -0.73
N LEU B 18 -41.49 -5.22 -0.63
CA LEU B 18 -40.89 -4.34 -1.64
C LEU B 18 -40.45 -4.98 -2.98
N SER B 19 -40.51 -6.32 -3.11
CA SER B 19 -40.02 -7.02 -4.32
C SER B 19 -38.65 -6.64 -4.83
N LEU B 20 -37.63 -6.89 -4.03
CA LEU B 20 -36.25 -6.59 -4.43
C LEU B 20 -35.55 -7.52 -5.45
N PRO B 21 -34.96 -6.92 -6.52
CA PRO B 21 -34.05 -7.59 -7.47
C PRO B 21 -32.82 -8.01 -6.69
N PRO B 22 -32.17 -9.11 -7.08
CA PRO B 22 -30.95 -9.52 -6.34
C PRO B 22 -29.92 -8.47 -6.26
N GLY B 23 -29.20 -8.42 -5.16
CA GLY B 23 -28.10 -7.51 -5.10
C GLY B 23 -28.45 -6.22 -4.39
N PHE B 24 -29.72 -5.93 -4.24
CA PHE B 24 -30.02 -4.71 -3.54
C PHE B 24 -29.97 -4.96 -2.04
N ARG B 25 -29.32 -4.02 -1.37
CA ARG B 25 -29.07 -3.99 0.07
C ARG B 25 -29.29 -2.60 0.63
N PHE B 26 -29.44 -2.50 1.94
CA PHE B 26 -29.63 -1.18 2.49
C PHE B 26 -28.31 -0.46 2.88
N TYR B 27 -27.88 0.41 1.98
CA TYR B 27 -26.72 1.31 2.13
C TYR B 27 -27.03 2.77 1.95
N PRO B 28 -27.64 3.35 2.97
CA PRO B 28 -28.04 4.74 3.01
C PRO B 28 -26.78 5.57 3.31
N THR B 29 -26.65 6.76 2.73
CA THR B 29 -25.59 7.69 3.11
C THR B 29 -25.80 8.30 4.47
N ASP B 30 -24.74 8.89 5.01
CA ASP B 30 -24.83 9.62 6.26
C ASP B 30 -25.82 10.75 6.08
N GLU B 31 -25.84 11.31 4.88
CA GLU B 31 -26.73 12.41 4.60
C GLU B 31 -28.21 11.98 4.49
N GLU B 32 -28.46 10.81 3.92
CA GLU B 32 -29.80 10.23 3.88
C GLU B 32 -30.37 9.79 5.22
N LEU B 33 -29.55 9.20 6.08
CA LEU B 33 -30.04 8.76 7.39
C LEU B 33 -30.55 9.95 8.18
N MET B 34 -29.83 11.05 8.07
CA MET B 34 -30.22 12.27 8.75
C MET B 34 -31.47 12.85 8.08
N VAL B 35 -31.41 12.98 6.75
CA VAL B 35 -32.42 13.73 6.01
C VAL B 35 -33.68 12.95 5.67
N GLN B 36 -33.49 11.76 5.11
CA GLN B 36 -34.57 10.94 4.59
C GLN B 36 -35.20 10.05 5.66
N TYR B 37 -34.42 9.75 6.68
CA TYR B 37 -34.85 8.94 7.80
C TYR B 37 -35.15 9.63 9.12
N LEU B 38 -34.17 10.27 9.74
CA LEU B 38 -34.35 10.85 11.08
C LEU B 38 -35.39 12.03 11.20
N CYS B 39 -35.29 13.07 10.36
CA CYS B 39 -36.24 14.20 10.36
C CYS B 39 -37.64 13.73 9.96
N ARG B 40 -37.69 12.86 8.94
CA ARG B 40 -38.93 12.30 8.41
C ARG B 40 -39.71 11.48 9.42
N LYS B 41 -39.04 11.00 10.47
CA LYS B 41 -39.74 10.19 11.46
C LYS B 41 -40.72 11.11 12.18
N ALA B 42 -40.25 12.32 12.49
CA ALA B 42 -41.10 13.35 13.10
C ALA B 42 -42.27 13.70 12.17
N ALA B 43 -42.03 13.62 10.86
CA ALA B 43 -43.04 13.88 9.81
C ALA B 43 -44.01 12.74 9.44
N GLY B 44 -43.83 11.51 9.93
CA GLY B 44 -44.75 10.42 9.61
C GLY B 44 -44.67 9.58 8.31
N TYR B 45 -43.50 9.47 7.69
CA TYR B 45 -43.35 8.70 6.46
C TYR B 45 -43.52 7.16 6.51
N ASP B 46 -44.29 6.62 5.56
CA ASP B 46 -44.63 5.19 5.48
C ASP B 46 -43.43 4.24 5.53
N PHE B 47 -42.59 4.30 4.50
CA PHE B 47 -41.47 3.39 4.38
C PHE B 47 -40.45 3.49 5.55
N SER B 48 -40.34 4.69 6.13
CA SER B 48 -39.48 4.99 7.30
C SER B 48 -39.95 4.47 8.67
N LEU B 49 -41.26 4.50 8.90
CA LEU B 49 -41.87 3.93 10.11
C LEU B 49 -41.70 2.41 10.17
N GLN B 50 -41.66 1.77 9.00
CA GLN B 50 -41.84 0.33 8.86
C GLN B 50 -40.52 -0.42 8.69
N LEU B 51 -39.46 0.32 8.38
CA LEU B 51 -38.16 -0.27 8.10
C LEU B 51 -37.16 -0.27 9.26
N ILE B 52 -37.37 0.56 10.28
CA ILE B 52 -36.46 0.54 11.42
C ILE B 52 -37.14 0.40 12.77
N ALA B 53 -36.65 -0.54 13.56
CA ALA B 53 -37.29 -0.91 14.81
C ALA B 53 -37.03 0.14 15.88
N GLU B 54 -38.06 0.51 16.64
CA GLU B 54 -37.84 1.32 17.81
C GLU B 54 -37.43 0.35 18.92
N ILE B 55 -36.33 0.68 19.58
CA ILE B 55 -35.74 -0.18 20.60
C ILE B 55 -34.83 0.71 21.45
N ASP B 56 -34.74 0.42 22.73
CA ASP B 56 -33.77 1.08 23.60
C ASP B 56 -32.43 0.35 23.61
N LEU B 57 -31.46 0.85 22.85
CA LEU B 57 -30.19 0.15 22.70
C LEU B 57 -29.47 -0.04 24.01
N TYR B 58 -29.69 0.90 24.94
CA TYR B 58 -28.93 0.89 26.17
C TYR B 58 -29.51 -0.02 27.28
N LYS B 59 -30.60 -0.74 27.01
CA LYS B 59 -31.10 -1.77 27.93
C LYS B 59 -30.53 -3.15 27.63
N PHE B 60 -29.73 -3.25 26.57
CA PHE B 60 -29.33 -4.55 26.02
C PHE B 60 -27.84 -4.63 25.73
N ASP B 61 -27.32 -5.86 25.68
CA ASP B 61 -25.99 -6.11 25.15
C ASP B 61 -26.20 -6.14 23.65
N PRO B 62 -25.28 -5.54 22.91
CA PRO B 62 -25.49 -5.47 21.46
C PRO B 62 -25.66 -6.85 20.83
N TRP B 63 -25.09 -7.90 21.41
CA TRP B 63 -25.13 -9.20 20.75
C TRP B 63 -26.52 -9.85 20.89
N VAL B 64 -27.38 -9.27 21.75
CA VAL B 64 -28.79 -9.68 21.80
C VAL B 64 -29.57 -8.96 20.70
N LEU B 65 -28.97 -7.88 20.20
CA LEU B 65 -29.64 -6.90 19.33
C LEU B 65 -29.97 -7.33 17.91
N PRO B 66 -29.06 -8.09 17.27
CA PRO B 66 -29.28 -8.66 15.93
C PRO B 66 -30.62 -9.35 15.76
N ASN B 67 -31.06 -10.05 16.79
CA ASN B 67 -32.35 -10.71 16.74
C ASN B 67 -33.53 -9.73 16.87
N LYS B 68 -33.25 -8.56 17.43
CA LYS B 68 -34.25 -7.50 17.63
C LYS B 68 -34.43 -6.51 16.48
N ALA B 69 -33.62 -6.67 15.44
CA ALA B 69 -33.67 -5.83 14.23
C ALA B 69 -34.65 -6.40 13.21
N LEU B 70 -35.37 -5.55 12.47
CA LEU B 70 -36.36 -6.07 11.51
C LEU B 70 -35.73 -6.85 10.33
N PHE B 71 -34.46 -6.58 10.04
CA PHE B 71 -33.64 -7.28 9.02
C PHE B 71 -32.18 -6.84 9.20
N GLY B 72 -31.25 -7.46 8.47
CA GLY B 72 -29.88 -7.02 8.56
C GLY B 72 -28.90 -8.18 8.50
N GLU B 73 -27.72 -7.93 7.93
CA GLU B 73 -26.76 -9.01 7.77
C GLU B 73 -25.45 -9.01 8.56
N LYS B 74 -24.77 -7.87 8.60
CA LYS B 74 -23.61 -7.65 9.47
C LYS B 74 -23.74 -6.29 10.16
N GLU B 75 -24.83 -5.58 9.84
CA GLU B 75 -25.21 -4.30 10.44
C GLU B 75 -26.69 -4.23 10.77
N TRP B 76 -27.01 -3.48 11.81
CA TRP B 76 -28.39 -3.29 12.20
C TRP B 76 -28.62 -1.85 12.56
N TYR B 77 -29.83 -1.38 12.32
CA TYR B 77 -30.12 0.01 12.58
C TYR B 77 -31.28 0.11 13.57
N PHE B 78 -31.19 1.09 14.46
CA PHE B 78 -32.25 1.31 15.43
C PHE B 78 -32.52 2.78 15.68
N PHE B 79 -33.71 3.04 16.21
CA PHE B 79 -34.01 4.30 16.85
C PHE B 79 -34.05 4.05 18.35
N SER B 80 -33.40 4.91 19.11
CA SER B 80 -33.31 4.76 20.55
C SER B 80 -33.59 6.12 21.17
N PRO B 81 -34.22 6.13 22.36
CA PRO B 81 -34.65 7.40 22.91
C PRO B 81 -33.45 8.33 23.11
N ARG B 82 -33.62 9.56 22.67
CA ARG B 82 -32.60 10.59 22.82
C ARG B 82 -32.47 10.89 24.30
N ASP B 83 -31.24 10.95 24.81
CA ASP B 83 -31.04 11.18 26.22
C ASP B 83 -31.22 12.66 26.59
N PRO B 92 -23.85 10.00 29.13
CA PRO B 92 -22.42 9.66 29.01
C PRO B 92 -22.06 8.26 29.57
N ASN B 93 -21.25 7.51 28.80
CA ASN B 93 -21.00 6.08 29.05
C ASN B 93 -22.22 5.50 29.70
N ARG B 94 -23.29 5.48 28.92
CA ARG B 94 -24.54 4.91 29.37
C ARG B 94 -24.42 3.41 29.36
N VAL B 95 -24.76 2.83 30.50
CA VAL B 95 -24.65 1.41 30.73
C VAL B 95 -25.62 0.66 29.83
N ALA B 96 -25.16 -0.45 29.30
CA ALA B 96 -26.04 -1.36 28.62
C ALA B 96 -25.49 -2.75 28.85
N GLY B 97 -26.31 -3.60 29.45
CA GLY B 97 -25.94 -4.96 29.78
C GLY B 97 -24.73 -5.04 30.70
N SER B 98 -23.70 -5.78 30.27
CA SER B 98 -22.51 -6.03 31.08
C SER B 98 -21.42 -5.03 30.75
N GLY B 99 -21.80 -3.92 30.15
CA GLY B 99 -20.82 -2.95 29.71
C GLY B 99 -21.25 -1.49 29.57
N TYR B 100 -20.58 -0.80 28.65
CA TYR B 100 -20.78 0.61 28.41
C TYR B 100 -20.34 0.91 26.98
N TRP B 101 -20.94 1.90 26.35
CA TRP B 101 -20.55 2.25 25.01
C TRP B 101 -19.62 3.42 25.11
N LYS B 102 -18.46 3.27 24.48
CA LYS B 102 -17.46 4.30 24.58
C LYS B 102 -17.20 4.92 23.23
N ALA B 103 -17.32 6.24 23.26
CA ALA B 103 -17.05 7.12 22.15
C ALA B 103 -15.61 7.02 21.70
N THR B 104 -15.45 7.00 20.38
CA THR B 104 -14.16 6.86 19.77
C THR B 104 -14.14 7.78 18.55
N GLY B 105 -12.94 8.14 18.11
CA GLY B 105 -12.79 8.91 16.89
C GLY B 105 -13.32 10.33 16.96
N THR B 106 -13.66 10.85 15.79
CA THR B 106 -14.06 12.25 15.66
C THR B 106 -15.51 12.33 15.31
N ASP B 107 -16.27 13.04 16.14
CA ASP B 107 -17.67 13.27 15.82
C ASP B 107 -17.61 14.03 14.49
N LYS B 108 -18.53 13.69 13.59
CA LYS B 108 -18.58 14.23 12.25
C LYS B 108 -19.79 15.10 12.03
N ILE B 109 -19.63 16.17 11.26
CA ILE B 109 -20.80 16.97 10.95
C ILE B 109 -21.32 16.46 9.65
N ILE B 110 -22.63 16.23 9.63
CA ILE B 110 -23.29 15.78 8.43
C ILE B 110 -24.04 16.97 7.81
N SER B 111 -23.83 17.18 6.52
CA SER B 111 -24.44 18.32 5.83
C SER B 111 -25.29 17.89 4.65
N THR B 112 -26.34 18.66 4.40
CA THR B 112 -27.15 18.46 3.21
C THR B 112 -27.29 19.76 2.45
N GLU B 113 -26.93 19.70 1.17
CA GLU B 113 -27.05 20.83 0.25
C GLU B 113 -26.44 22.06 0.91
N GLY B 114 -25.26 21.86 1.50
CA GLY B 114 -24.55 22.94 2.17
C GLY B 114 -25.19 23.39 3.46
N GLN B 115 -26.21 22.68 3.92
CA GLN B 115 -26.81 23.03 5.20
C GLN B 115 -26.49 21.90 6.19
N ARG B 116 -26.12 22.27 7.42
CA ARG B 116 -25.85 21.25 8.44
C ARG B 116 -27.13 20.71 9.09
N VAL B 117 -27.29 19.37 9.03
CA VAL B 117 -28.49 18.68 9.53
C VAL B 117 -28.25 17.66 10.67
N GLY B 118 -27.04 17.10 10.73
CA GLY B 118 -26.73 16.05 11.70
C GLY B 118 -25.27 15.89 12.12
N ILE B 119 -25.07 15.13 13.19
CA ILE B 119 -23.75 14.76 13.71
C ILE B 119 -23.58 13.24 13.80
N LYS B 120 -22.45 12.73 13.31
CA LYS B 120 -22.13 11.30 13.43
C LYS B 120 -21.11 11.04 14.53
N LYS B 121 -21.46 10.12 15.41
CA LYS B 121 -20.66 9.76 16.58
C LYS B 121 -20.31 8.29 16.55
N ALA B 122 -19.03 8.00 16.76
CA ALA B 122 -18.55 6.62 16.82
C ALA B 122 -18.55 6.09 18.25
N LEU B 123 -18.91 4.82 18.44
CA LEU B 123 -18.78 4.19 19.76
C LEU B 123 -18.29 2.74 19.76
N VAL B 124 -17.71 2.33 20.88
CA VAL B 124 -17.22 0.97 21.05
C VAL B 124 -17.82 0.36 22.32
N PHE B 125 -18.19 -0.92 22.29
CA PHE B 125 -18.78 -1.54 23.47
C PHE B 125 -17.63 -2.10 24.32
N TYR B 126 -17.57 -1.74 25.61
CA TYR B 126 -16.64 -2.42 26.52
C TYR B 126 -17.43 -3.30 27.47
N ILE B 127 -16.94 -4.50 27.73
CA ILE B 127 -17.52 -5.39 28.75
C ILE B 127 -16.87 -5.22 30.14
N GLY B 128 -17.70 -5.21 31.18
CA GLY B 128 -17.22 -5.05 32.54
C GLY B 128 -17.65 -3.69 33.06
N LYS B 129 -16.90 -3.14 34.00
CA LYS B 129 -17.37 -1.97 34.72
C LYS B 129 -16.32 -0.90 34.50
N ALA B 130 -16.76 0.26 34.01
CA ALA B 130 -15.88 1.40 33.72
C ALA B 130 -15.08 1.90 34.92
N PRO B 131 -13.85 2.38 34.66
CA PRO B 131 -13.11 2.38 33.39
C PRO B 131 -12.10 1.25 33.39
N LYS B 132 -12.58 0.10 33.86
CA LYS B 132 -11.72 -1.06 34.06
C LYS B 132 -12.22 -2.19 33.15
N GLY B 133 -12.92 -1.82 32.09
CA GLY B 133 -13.53 -2.79 31.20
C GLY B 133 -12.51 -3.17 30.16
N THR B 134 -12.74 -4.25 29.43
CA THR B 134 -11.86 -4.55 28.31
C THR B 134 -12.65 -4.30 27.03
N LYS B 135 -12.01 -3.66 26.08
CA LYS B 135 -12.63 -3.32 24.80
C LYS B 135 -12.99 -4.60 24.04
N THR B 136 -14.13 -4.58 23.38
CA THR B 136 -14.56 -5.62 22.46
C THR B 136 -14.69 -5.11 21.02
N ASN B 137 -15.05 -6.01 20.09
CA ASN B 137 -15.29 -5.65 18.69
C ASN B 137 -16.69 -5.15 18.33
N TRP B 138 -17.59 -5.04 19.30
CA TRP B 138 -18.93 -4.51 19.02
C TRP B 138 -18.88 -2.98 18.87
N ILE B 139 -19.37 -2.49 17.74
CA ILE B 139 -19.33 -1.05 17.46
C ILE B 139 -20.71 -0.42 17.27
N MET B 140 -20.84 0.84 17.70
CA MET B 140 -22.03 1.64 17.41
C MET B 140 -21.72 2.95 16.71
N HIS B 141 -22.57 3.33 15.76
CA HIS B 141 -22.49 4.68 15.23
C HIS B 141 -23.75 5.44 15.63
N GLU B 142 -23.60 6.45 16.47
CA GLU B 142 -24.78 7.18 16.93
C GLU B 142 -24.90 8.52 16.19
N TYR B 143 -25.97 8.61 15.41
CA TYR B 143 -26.37 9.80 14.68
C TYR B 143 -27.50 10.61 15.30
N ARG B 144 -27.28 11.92 15.45
CA ARG B 144 -28.29 12.81 16.00
C ARG B 144 -28.42 14.04 15.09
N LEU B 145 -29.62 14.60 15.02
CA LEU B 145 -29.88 15.84 14.26
C LEU B 145 -29.39 17.05 14.99
N ILE B 146 -28.91 18.03 14.24
CA ILE B 146 -28.69 19.32 14.86
C ILE B 146 -30.01 20.07 15.00
N GLU B 147 -30.57 20.04 16.21
CA GLU B 147 -31.78 20.79 16.52
C GLU B 147 -32.03 20.79 18.03
N PRO B 148 -32.51 21.92 18.51
CA PRO B 148 -32.83 22.30 19.89
C PRO B 148 -33.81 21.37 20.63
N SER B 149 -34.02 21.68 21.91
CA SER B 149 -35.03 21.04 22.75
C SER B 149 -36.41 21.63 22.49
N ASP B 158 -41.44 12.32 17.22
CA ASP B 158 -40.78 12.00 18.50
C ASP B 158 -39.27 12.15 18.37
N ASP B 159 -38.55 12.07 19.49
CA ASP B 159 -37.21 12.61 19.58
C ASP B 159 -36.30 11.44 19.89
N TRP B 160 -35.67 11.01 18.79
CA TRP B 160 -34.85 9.80 18.70
C TRP B 160 -33.41 10.07 18.22
N VAL B 161 -32.49 9.15 18.52
CA VAL B 161 -31.26 9.07 17.75
C VAL B 161 -31.33 7.79 16.92
N LEU B 162 -30.67 7.77 15.76
CA LEU B 162 -30.60 6.56 14.95
C LEU B 162 -29.21 5.90 15.07
N CYS B 163 -29.18 4.62 15.44
CA CYS B 163 -27.90 3.95 15.72
C CYS B 163 -27.70 2.74 14.85
N ARG B 164 -26.52 2.68 14.25
CA ARG B 164 -26.06 1.48 13.60
C ARG B 164 -25.18 0.63 14.49
N ILE B 165 -25.50 -0.67 14.53
CA ILE B 165 -24.68 -1.64 15.26
C ILE B 165 -24.10 -2.68 14.32
N TYR B 166 -22.81 -2.95 14.53
CA TYR B 166 -22.14 -4.07 13.87
C TYR B 166 -20.93 -4.58 14.63
N LYS B 167 -20.42 -5.74 14.21
CA LYS B 167 -19.23 -6.29 14.86
C LYS B 167 -18.05 -6.31 13.90
N LYS B 168 -16.98 -5.65 14.32
CA LYS B 168 -15.72 -5.57 13.60
C LYS B 168 -14.95 -6.84 13.26
N GLN B 169 -14.28 -6.80 12.11
CA GLN B 169 -13.30 -7.82 11.72
C GLN B 169 -13.90 -9.17 11.33
N LEU C 20 41.27 -0.24 8.69
CA LEU C 20 40.00 0.16 8.12
C LEU C 20 39.07 0.06 9.35
N PRO C 21 38.35 1.16 9.66
CA PRO C 21 37.19 1.28 10.60
C PRO C 21 35.83 0.60 10.33
N PRO C 22 35.06 0.36 11.45
CA PRO C 22 33.69 -0.16 11.74
C PRO C 22 32.40 0.56 11.26
N GLY C 23 31.38 -0.20 10.83
CA GLY C 23 30.03 0.28 10.52
C GLY C 23 29.99 0.58 9.03
N PHE C 24 31.22 0.73 8.54
CA PHE C 24 31.59 1.04 7.16
C PHE C 24 31.71 -0.10 6.15
N ARG C 25 30.99 0.08 5.07
CA ARG C 25 30.85 -0.84 3.96
C ARG C 25 30.89 -0.21 2.57
N PHE C 26 31.04 -1.07 1.56
CA PHE C 26 31.29 -0.71 0.18
C PHE C 26 29.91 -0.57 -0.40
N TYR C 27 29.52 0.66 -0.62
CA TYR C 27 28.24 0.94 -1.24
C TYR C 27 28.48 1.93 -2.28
N PRO C 28 29.11 1.44 -3.32
CA PRO C 28 29.56 2.29 -4.38
C PRO C 28 28.33 2.61 -5.18
N THR C 29 28.32 3.81 -5.74
CA THR C 29 27.33 4.21 -6.69
C THR C 29 27.62 3.59 -8.01
N ASP C 30 26.64 3.60 -8.88
CA ASP C 30 26.85 3.08 -10.21
C ASP C 30 27.98 3.82 -10.89
N GLU C 31 28.05 5.09 -10.59
CA GLU C 31 29.04 5.93 -11.19
C GLU C 31 30.47 5.65 -10.72
N GLU C 32 30.68 5.36 -9.45
CA GLU C 32 32.03 5.02 -8.99
C GLU C 32 32.55 3.74 -9.57
N LEU C 33 31.69 2.75 -9.67
CA LEU C 33 32.10 1.49 -10.25
C LEU C 33 32.55 1.85 -11.65
N MET C 34 31.78 2.69 -12.32
CA MET C 34 32.27 2.98 -13.64
C MET C 34 33.57 3.70 -13.57
N VAL C 35 33.66 4.80 -12.84
CA VAL C 35 34.85 5.65 -12.94
C VAL C 35 36.11 5.26 -12.18
N GLN C 36 35.92 4.91 -10.94
CA GLN C 36 37.00 4.63 -10.03
C GLN C 36 37.42 3.22 -10.12
N TYR C 37 36.53 2.39 -10.61
CA TYR C 37 36.82 0.99 -10.80
C TYR C 37 37.01 0.67 -12.25
N LEU C 38 35.98 0.76 -13.05
CA LEU C 38 36.12 0.34 -14.43
C LEU C 38 37.19 1.14 -15.22
N CYS C 39 37.14 2.47 -15.17
CA CYS C 39 38.18 3.31 -15.80
C CYS C 39 39.62 3.09 -15.33
N ARG C 40 39.82 3.00 -14.03
CA ARG C 40 41.15 2.80 -13.48
C ARG C 40 41.78 1.54 -13.95
N LYS C 41 41.01 0.47 -13.96
CA LYS C 41 41.61 -0.72 -14.42
C LYS C 41 41.85 -0.69 -15.90
N ALA C 42 40.89 -0.14 -16.63
CA ALA C 42 41.05 -0.12 -18.06
C ALA C 42 42.15 0.75 -18.61
N ALA C 43 42.40 1.93 -18.05
CA ALA C 43 43.51 2.71 -18.59
C ALA C 43 44.75 2.02 -18.10
N GLY C 44 44.47 0.98 -17.31
CA GLY C 44 45.45 0.09 -16.72
C GLY C 44 46.21 0.67 -15.55
N TYR C 45 45.71 1.73 -15.01
CA TYR C 45 46.34 2.24 -13.84
C TYR C 45 46.01 1.29 -12.67
N ASP C 46 46.96 1.18 -11.76
CA ASP C 46 46.97 0.45 -10.48
C ASP C 46 46.15 0.94 -9.27
N PHE C 47 45.89 0.00 -8.34
CA PHE C 47 45.28 0.26 -7.03
C PHE C 47 46.18 0.02 -5.83
N SER C 48 45.98 0.88 -4.84
CA SER C 48 46.60 0.76 -3.53
C SER C 48 46.52 -0.65 -3.05
N LEU C 49 45.33 -1.23 -3.09
CA LEU C 49 45.20 -2.62 -2.72
C LEU C 49 44.41 -3.21 -3.84
N GLN C 50 44.58 -4.50 -4.13
CA GLN C 50 43.64 -5.10 -5.03
C GLN C 50 42.42 -5.40 -4.24
N LEU C 51 41.33 -4.76 -4.63
CA LEU C 51 40.06 -5.00 -4.00
C LEU C 51 39.14 -5.79 -4.87
N ILE C 52 39.04 -5.46 -6.12
CA ILE C 52 38.13 -6.20 -6.95
C ILE C 52 38.89 -7.17 -7.76
N ALA C 53 38.78 -8.46 -7.49
CA ALA C 53 39.71 -9.36 -8.16
C ALA C 53 39.28 -9.70 -9.57
N GLU C 54 40.27 -10.12 -10.33
CA GLU C 54 40.09 -10.60 -11.67
C GLU C 54 39.70 -12.03 -11.52
N ILE C 55 38.75 -12.44 -12.35
CA ILE C 55 38.23 -13.80 -12.40
C ILE C 55 37.64 -14.08 -13.72
N ASP C 56 37.65 -15.29 -14.19
CA ASP C 56 36.77 -15.49 -15.30
C ASP C 56 35.39 -15.92 -14.84
N LEU C 57 34.44 -15.01 -14.78
CA LEU C 57 33.10 -15.30 -14.24
C LEU C 57 32.33 -16.35 -15.02
N TYR C 58 32.61 -16.49 -16.31
CA TYR C 58 31.81 -17.38 -17.13
C TYR C 58 32.27 -18.84 -17.10
N LYS C 59 33.28 -19.13 -16.30
CA LYS C 59 33.71 -20.51 -16.04
C LYS C 59 32.98 -21.18 -14.87
N PHE C 60 32.12 -20.43 -14.16
CA PHE C 60 31.56 -20.84 -12.86
C PHE C 60 30.05 -20.82 -12.69
N ASP C 61 29.66 -21.64 -11.72
CA ASP C 61 28.35 -21.59 -11.11
C ASP C 61 28.36 -20.39 -10.18
N PRO C 62 27.28 -19.60 -10.21
CA PRO C 62 27.33 -18.43 -9.33
C PRO C 62 27.60 -18.71 -7.89
N TRP C 63 27.17 -19.86 -7.42
CA TRP C 63 27.27 -20.17 -5.98
C TRP C 63 28.66 -20.47 -5.47
N VAL C 64 29.57 -20.74 -6.37
CA VAL C 64 30.94 -20.84 -5.95
C VAL C 64 31.62 -19.51 -6.05
N LEU C 65 31.00 -18.61 -6.75
CA LEU C 65 31.72 -17.39 -6.90
C LEU C 65 32.09 -16.58 -5.70
N PRO C 66 31.19 -16.50 -4.74
CA PRO C 66 31.43 -15.82 -3.48
C PRO C 66 32.69 -16.16 -2.78
N ASN C 67 33.12 -17.38 -2.91
CA ASN C 67 34.33 -17.77 -2.26
C ASN C 67 35.56 -17.17 -2.93
N LYS C 68 35.42 -16.79 -4.20
CA LYS C 68 36.56 -16.25 -4.95
C LYS C 68 36.78 -14.74 -4.84
N ALA C 69 35.78 -14.00 -4.40
CA ALA C 69 35.86 -12.54 -4.27
C ALA C 69 36.63 -12.21 -3.01
N LEU C 70 37.47 -11.18 -3.03
CA LEU C 70 38.25 -10.90 -1.82
C LEU C 70 37.53 -10.27 -0.63
N PHE C 71 36.31 -9.78 -0.80
CA PHE C 71 35.60 -9.26 0.38
C PHE C 71 34.14 -9.18 -0.05
N GLY C 72 33.25 -9.04 0.92
CA GLY C 72 31.83 -8.96 0.60
C GLY C 72 31.11 -10.08 1.32
N GLU C 73 29.96 -9.72 1.88
CA GLU C 73 29.14 -10.67 2.58
C GLU C 73 27.96 -11.18 1.76
N LYS C 74 27.34 -10.30 1.02
CA LYS C 74 26.17 -10.67 0.22
C LYS C 74 26.26 -10.18 -1.23
N GLU C 75 27.27 -9.34 -1.50
CA GLU C 75 27.53 -8.90 -2.85
C GLU C 75 29.01 -9.11 -3.00
N TRP C 76 29.46 -9.53 -4.17
CA TRP C 76 30.87 -9.76 -4.40
C TRP C 76 31.13 -9.12 -5.70
N TYR C 77 32.28 -8.50 -5.93
CA TYR C 77 32.42 -7.86 -7.23
C TYR C 77 33.59 -8.45 -8.04
N PHE C 78 33.44 -8.51 -9.37
CA PHE C 78 34.54 -9.03 -10.16
C PHE C 78 34.76 -8.35 -11.48
N PHE C 79 35.98 -8.55 -11.99
CA PHE C 79 36.33 -8.23 -13.35
C PHE C 79 36.54 -9.42 -14.25
N SER C 80 35.87 -9.37 -15.39
CA SER C 80 35.95 -10.40 -16.39
C SER C 80 36.21 -10.00 -17.82
N PRO C 81 36.94 -10.83 -18.56
CA PRO C 81 37.26 -10.43 -19.92
C PRO C 81 35.96 -10.20 -20.68
N ARG C 82 35.93 -9.10 -21.40
CA ARG C 82 34.84 -8.67 -22.26
C ARG C 82 34.62 -9.48 -23.54
N ASP C 83 33.37 -9.75 -23.90
CA ASP C 83 33.06 -10.56 -25.10
C ASP C 83 33.14 -9.72 -26.36
N ARG C 84 33.97 -10.16 -27.29
CA ARG C 84 34.08 -9.45 -28.56
C ARG C 84 33.49 -10.29 -29.66
N PRO C 92 25.43 -13.54 -25.53
CA PRO C 92 23.98 -13.79 -25.43
C PRO C 92 23.68 -15.13 -24.72
N ASN C 93 22.86 -15.13 -23.66
CA ASN C 93 22.57 -16.32 -22.82
C ASN C 93 23.91 -16.98 -22.86
N ARG C 94 24.93 -16.27 -22.45
CA ARG C 94 26.22 -16.88 -22.52
C ARG C 94 26.23 -17.95 -21.45
N VAL C 95 26.65 -19.13 -21.84
CA VAL C 95 26.68 -20.27 -20.96
C VAL C 95 27.70 -20.02 -19.90
N ALA C 96 27.39 -20.38 -18.68
CA ALA C 96 28.45 -20.39 -17.68
C ALA C 96 28.16 -21.50 -16.69
N GLY C 97 29.11 -22.41 -16.59
CA GLY C 97 28.94 -23.57 -15.73
C GLY C 97 27.76 -24.48 -16.04
N SER C 98 26.95 -24.70 -15.03
CA SER C 98 25.83 -25.63 -15.16
C SER C 98 24.58 -25.00 -15.69
N GLY C 99 24.73 -23.77 -16.18
CA GLY C 99 23.58 -22.98 -16.54
C GLY C 99 23.84 -21.99 -17.65
N TYR C 100 23.07 -20.93 -17.61
CA TYR C 100 23.18 -19.89 -18.59
C TYR C 100 22.60 -18.69 -17.91
N TRP C 101 23.11 -17.51 -18.27
CA TRP C 101 22.66 -16.25 -17.71
C TRP C 101 21.68 -15.61 -18.66
N LYS C 102 20.53 -15.18 -18.15
CA LYS C 102 19.57 -14.54 -19.02
C LYS C 102 19.45 -13.07 -18.66
N ALA C 103 19.59 -12.28 -19.70
CA ALA C 103 19.49 -10.85 -19.65
C ALA C 103 18.11 -10.41 -19.24
N THR C 104 18.03 -9.33 -18.47
CA THR C 104 16.73 -8.88 -18.03
C THR C 104 16.49 -7.39 -17.96
N GLY C 105 15.21 -7.06 -17.98
CA GLY C 105 14.79 -5.69 -17.83
C GLY C 105 15.38 -5.08 -19.08
N THR C 106 15.58 -3.79 -19.03
CA THR C 106 16.05 -2.99 -20.14
C THR C 106 17.39 -2.63 -19.57
N ASP C 107 18.43 -2.91 -20.33
CA ASP C 107 19.77 -2.59 -19.90
C ASP C 107 19.77 -1.09 -19.75
N LYS C 108 20.37 -0.70 -18.64
CA LYS C 108 20.44 0.66 -18.16
C LYS C 108 21.77 1.34 -18.34
N ILE C 109 21.70 2.66 -18.58
CA ILE C 109 22.82 3.61 -18.72
C ILE C 109 23.35 4.43 -17.53
N ILE C 110 24.67 4.41 -17.37
CA ILE C 110 25.37 5.23 -16.37
C ILE C 110 25.93 6.52 -16.90
N SER C 111 25.64 7.64 -16.24
CA SER C 111 26.12 8.91 -16.74
C SER C 111 27.02 9.59 -15.69
N THR C 112 27.97 10.40 -16.12
CA THR C 112 28.71 11.24 -15.18
C THR C 112 28.92 12.63 -15.74
N GLU C 113 28.45 13.62 -14.99
CA GLU C 113 28.63 14.95 -15.45
C GLU C 113 28.16 15.06 -16.88
N GLY C 114 26.99 14.51 -17.16
CA GLY C 114 26.41 14.58 -18.49
C GLY C 114 27.05 13.81 -19.61
N GLN C 115 28.00 12.94 -19.31
CA GLN C 115 28.59 12.10 -20.34
C GLN C 115 28.17 10.67 -20.09
N ARG C 116 27.78 9.99 -21.15
CA ARG C 116 27.47 8.60 -20.97
C ARG C 116 28.78 7.88 -20.94
N VAL C 117 29.02 7.08 -19.91
CA VAL C 117 30.26 6.33 -19.81
C VAL C 117 30.07 4.79 -19.80
N GLY C 118 28.91 4.33 -19.30
CA GLY C 118 28.61 2.91 -19.15
C GLY C 118 27.18 2.39 -19.20
N ILE C 119 27.04 1.07 -19.39
CA ILE C 119 25.74 0.40 -19.26
C ILE C 119 25.75 -0.61 -18.11
N LYS C 120 24.72 -0.56 -17.25
CA LYS C 120 24.55 -1.57 -16.21
C LYS C 120 23.46 -2.45 -16.77
N LYS C 121 23.78 -3.74 -16.85
CA LYS C 121 22.86 -4.73 -17.37
C LYS C 121 22.74 -5.80 -16.28
N ALA C 122 21.50 -6.14 -15.97
CA ALA C 122 21.11 -7.19 -15.01
C ALA C 122 20.98 -8.63 -15.55
N LEU C 123 21.38 -9.61 -14.72
CA LEU C 123 21.08 -10.98 -15.09
C LEU C 123 20.59 -11.84 -13.97
N VAL C 124 19.97 -12.90 -14.42
CA VAL C 124 19.42 -13.90 -13.60
C VAL C 124 20.00 -15.18 -14.09
N PHE C 125 20.32 -16.05 -13.14
CA PHE C 125 20.86 -17.36 -13.48
C PHE C 125 19.77 -18.39 -13.77
N TYR C 126 19.84 -19.05 -14.91
CA TYR C 126 18.98 -20.20 -15.07
C TYR C 126 19.91 -21.34 -15.02
N ILE C 127 19.52 -22.39 -14.28
CA ILE C 127 20.25 -23.65 -14.27
C ILE C 127 19.75 -24.59 -15.38
N GLY C 128 20.65 -25.19 -16.13
CA GLY C 128 20.18 -26.11 -17.14
C GLY C 128 20.47 -25.68 -18.55
N LYS C 129 19.62 -26.10 -19.48
CA LYS C 129 19.90 -25.88 -20.87
C LYS C 129 18.71 -25.02 -21.37
N ALA C 130 19.04 -23.88 -22.00
CA ALA C 130 18.07 -22.91 -22.55
C ALA C 130 17.15 -23.42 -23.66
N PRO C 131 15.90 -22.93 -23.70
CA PRO C 131 15.29 -22.01 -22.74
C PRO C 131 14.35 -22.75 -21.80
N LYS C 132 14.79 -23.90 -21.34
CA LYS C 132 13.98 -24.78 -20.51
C LYS C 132 14.66 -24.88 -19.17
N GLY C 133 15.48 -23.91 -18.86
CA GLY C 133 16.26 -23.98 -17.64
C GLY C 133 15.36 -23.47 -16.55
N THR C 134 15.79 -23.62 -15.29
CA THR C 134 15.03 -23.01 -14.18
C THR C 134 15.73 -21.87 -13.39
N LYS C 135 14.96 -20.81 -13.27
CA LYS C 135 15.35 -19.58 -12.63
C LYS C 135 15.76 -19.75 -11.21
N THR C 136 16.79 -19.04 -10.80
CA THR C 136 17.16 -18.90 -9.40
C THR C 136 17.10 -17.43 -8.95
N ASN C 137 17.43 -17.19 -7.69
CA ASN C 137 17.54 -15.84 -7.16
C ASN C 137 18.97 -15.30 -7.33
N TRP C 138 19.81 -16.01 -8.07
CA TRP C 138 21.16 -15.53 -8.32
C TRP C 138 21.23 -14.46 -9.36
N ILE C 139 21.77 -13.32 -8.94
CA ILE C 139 21.90 -12.15 -9.80
C ILE C 139 23.31 -11.66 -10.15
N MET C 140 23.43 -11.21 -11.40
CA MET C 140 24.61 -10.51 -11.83
C MET C 140 24.20 -9.16 -12.37
N HIS C 141 24.98 -8.17 -12.01
CA HIS C 141 24.98 -6.87 -12.61
C HIS C 141 26.28 -6.71 -13.34
N GLU C 142 26.18 -6.50 -14.65
CA GLU C 142 27.33 -6.34 -15.53
C GLU C 142 27.51 -4.91 -15.94
N TYR C 143 28.60 -4.30 -15.50
CA TYR C 143 28.89 -2.95 -15.94
C TYR C 143 29.85 -3.03 -17.14
N ARG C 144 29.55 -2.26 -18.18
CA ARG C 144 30.40 -2.21 -19.35
C ARG C 144 30.60 -0.80 -19.82
N LEU C 145 31.74 -0.58 -20.45
CA LEU C 145 32.03 0.72 -20.98
C LEU C 145 31.29 1.06 -22.25
N ILE C 146 30.76 2.28 -22.30
CA ILE C 146 30.22 2.85 -23.52
C ILE C 146 31.37 3.04 -24.49
N GLU C 147 31.16 2.84 -25.79
CA GLU C 147 32.28 3.11 -26.70
C GLU C 147 31.85 3.25 -28.16
N PRO C 148 32.72 3.86 -28.98
CA PRO C 148 32.58 4.19 -30.41
C PRO C 148 32.86 3.01 -31.35
N SER C 149 32.18 2.99 -32.49
CA SER C 149 32.32 1.95 -33.50
C SER C 149 33.70 1.95 -34.17
N ASP C 158 43.10 -5.53 -23.46
CA ASP C 158 43.01 -5.25 -22.04
C ASP C 158 41.62 -4.72 -21.68
N ASP C 159 40.64 -5.55 -21.98
CA ASP C 159 39.23 -5.19 -22.14
C ASP C 159 38.32 -5.91 -21.11
N TRP C 160 37.89 -5.20 -20.08
CA TRP C 160 37.13 -5.83 -19.02
C TRP C 160 35.73 -5.27 -18.83
N VAL C 161 34.87 -6.10 -18.25
CA VAL C 161 33.63 -5.70 -17.61
C VAL C 161 33.69 -5.80 -16.11
N LEU C 162 32.86 -5.01 -15.46
CA LEU C 162 32.79 -5.10 -14.01
C LEU C 162 31.46 -5.71 -13.60
N CYS C 163 31.45 -6.76 -12.73
CA CYS C 163 30.21 -7.50 -12.39
C CYS C 163 29.97 -7.48 -10.90
N ARG C 164 28.76 -7.08 -10.55
CA ARG C 164 28.27 -7.27 -9.22
C ARG C 164 27.54 -8.59 -9.28
N ILE C 165 27.83 -9.47 -8.31
CA ILE C 165 27.12 -10.72 -8.06
C ILE C 165 26.40 -10.73 -6.75
N TYR C 166 25.15 -11.16 -6.74
CA TYR C 166 24.52 -11.44 -5.46
C TYR C 166 23.40 -12.44 -5.55
N LYS C 167 22.99 -12.95 -4.40
CA LYS C 167 21.86 -13.87 -4.33
C LYS C 167 20.76 -13.14 -3.60
N LYS C 168 19.65 -13.01 -4.30
CA LYS C 168 18.43 -12.36 -3.81
C LYS C 168 17.78 -12.93 -2.59
N GLN C 169 17.22 -12.04 -1.77
CA GLN C 169 16.41 -12.48 -0.65
C GLN C 169 17.13 -13.10 0.52
N PRO D 14 34.69 14.65 9.29
CA PRO D 14 34.82 13.57 10.29
C PRO D 14 35.10 12.20 9.65
N LEU D 15 35.05 12.15 8.33
CA LEU D 15 35.38 10.96 7.51
C LEU D 15 36.86 10.84 7.12
N THR D 16 37.47 11.96 6.76
CA THR D 16 38.83 12.00 6.26
C THR D 16 39.97 11.65 7.21
N GLN D 17 39.75 11.71 8.52
CA GLN D 17 40.67 11.09 9.48
C GLN D 17 40.75 9.56 9.25
N LEU D 18 39.67 8.96 8.78
CA LEU D 18 39.63 7.51 8.56
C LEU D 18 40.32 7.00 7.28
N SER D 19 40.80 7.89 6.40
CA SER D 19 41.40 7.46 5.13
C SER D 19 40.60 6.46 4.29
N LEU D 20 39.41 6.85 3.83
CA LEU D 20 38.59 6.00 2.99
C LEU D 20 38.96 5.79 1.51
N PRO D 21 39.04 4.49 1.04
CA PRO D 21 39.17 4.11 -0.39
C PRO D 21 37.89 4.57 -1.07
N PRO D 22 37.92 4.93 -2.37
CA PRO D 22 36.68 5.34 -3.06
C PRO D 22 35.59 4.35 -2.99
N GLY D 23 34.35 4.80 -2.90
CA GLY D 23 33.26 3.86 -2.95
C GLY D 23 32.69 3.46 -1.60
N PHE D 24 33.45 3.70 -0.55
CA PHE D 24 32.92 3.35 0.75
C PHE D 24 32.02 4.50 1.23
N ARG D 25 30.88 4.07 1.74
CA ARG D 25 29.80 4.92 2.24
C ARG D 25 29.23 4.35 3.53
N PHE D 26 28.51 5.17 4.26
CA PHE D 26 27.94 4.64 5.47
C PHE D 26 26.55 4.01 5.31
N TYR D 27 26.54 2.68 5.21
CA TYR D 27 25.35 1.81 5.14
C TYR D 27 25.30 0.75 6.20
N PRO D 28 24.96 1.17 7.42
CA PRO D 28 24.87 0.32 8.59
C PRO D 28 23.54 -0.45 8.46
N THR D 29 23.49 -1.69 8.90
CA THR D 29 22.22 -2.42 8.99
C THR D 29 21.35 -1.94 10.13
N ASP D 30 20.08 -2.32 10.09
CA ASP D 30 19.15 -2.02 11.18
C ASP D 30 19.69 -2.65 12.46
N GLU D 31 20.29 -3.80 12.32
CA GLU D 31 20.83 -4.50 13.47
C GLU D 31 22.08 -3.82 14.06
N GLU D 32 22.95 -3.30 13.19
CA GLU D 32 24.12 -2.53 13.63
C GLU D 32 23.82 -1.18 14.29
N LEU D 33 22.84 -0.45 13.78
CA LEU D 33 22.48 0.85 14.36
C LEU D 33 22.02 0.65 15.78
N MET D 34 21.28 -0.41 15.99
CA MET D 34 20.82 -0.73 17.32
C MET D 34 22.00 -1.21 18.15
N VAL D 35 22.76 -2.16 17.61
CA VAL D 35 23.77 -2.87 18.40
C VAL D 35 25.12 -2.18 18.54
N GLN D 36 25.64 -1.74 17.41
CA GLN D 36 26.98 -1.18 17.32
C GLN D 36 27.00 0.32 17.61
N TYR D 37 25.86 0.96 17.39
CA TYR D 37 25.71 2.39 17.62
C TYR D 37 24.92 2.84 18.86
N LEU D 38 23.63 2.49 18.94
CA LEU D 38 22.77 2.99 20.01
C LEU D 38 23.14 2.53 21.46
N CYS D 39 23.32 1.23 21.70
CA CYS D 39 23.70 0.68 23.03
C CYS D 39 25.10 1.17 23.40
N ARG D 40 26.01 1.15 22.41
CA ARG D 40 27.39 1.58 22.60
C ARG D 40 27.54 3.03 23.00
N LYS D 41 26.53 3.86 22.73
CA LYS D 41 26.63 5.26 23.08
C LYS D 41 26.64 5.35 24.60
N ALA D 42 25.78 4.56 25.24
CA ALA D 42 25.75 4.47 26.69
C ALA D 42 27.09 3.95 27.24
N ALA D 43 27.76 3.10 26.45
CA ALA D 43 29.08 2.55 26.81
C ALA D 43 30.33 3.43 26.53
N GLY D 44 30.16 4.55 25.80
CA GLY D 44 31.26 5.48 25.53
C GLY D 44 32.33 5.27 24.45
N TYR D 45 31.99 4.51 23.41
CA TYR D 45 32.93 4.21 22.29
C TYR D 45 33.33 5.35 21.32
N ASP D 46 34.64 5.40 21.04
CA ASP D 46 35.30 6.44 20.23
C ASP D 46 34.65 6.75 18.88
N PHE D 47 34.68 5.80 17.95
CA PHE D 47 34.18 6.04 16.60
C PHE D 47 32.68 6.43 16.57
N SER D 48 31.91 5.92 17.53
CA SER D 48 30.46 6.21 17.71
C SER D 48 30.09 7.59 18.26
N LEU D 49 30.89 8.11 19.20
CA LEU D 49 30.73 9.46 19.73
C LEU D 49 30.98 10.54 18.67
N GLN D 50 31.85 10.22 17.70
CA GLN D 50 32.47 11.21 16.82
C GLN D 50 31.79 11.26 15.45
N LEU D 51 31.03 10.22 15.14
CA LEU D 51 30.40 10.08 13.82
C LEU D 51 28.94 10.54 13.71
N ILE D 52 28.23 10.67 14.83
CA ILE D 52 26.86 11.15 14.75
C ILE D 52 26.54 12.30 15.69
N ALA D 53 25.95 13.34 15.12
CA ALA D 53 25.72 14.59 15.84
C ALA D 53 24.57 14.45 16.81
N GLU D 54 24.76 14.97 18.03
CA GLU D 54 23.64 15.09 18.94
C GLU D 54 22.91 16.36 18.54
N ILE D 55 21.60 16.23 18.36
CA ILE D 55 20.77 17.33 17.89
C ILE D 55 19.34 16.98 18.29
N ASP D 56 18.54 17.99 18.61
CA ASP D 56 17.12 17.79 18.82
C ASP D 56 16.33 17.93 17.52
N LEU D 57 15.96 16.79 16.90
CA LEU D 57 15.31 16.83 15.60
C LEU D 57 14.02 17.59 15.62
N TYR D 58 13.34 17.58 16.76
CA TYR D 58 12.00 18.16 16.83
C TYR D 58 11.96 19.69 17.08
N LYS D 59 13.14 20.35 17.16
CA LYS D 59 13.21 21.82 17.19
C LYS D 59 13.36 22.46 15.81
N PHE D 60 13.47 21.62 14.80
CA PHE D 60 13.86 22.08 13.49
C PHE D 60 12.98 21.52 12.37
N ASP D 61 12.96 22.20 11.23
CA ASP D 61 12.39 21.63 10.01
C ASP D 61 13.48 20.75 9.46
N PRO D 62 13.11 19.56 8.96
CA PRO D 62 14.16 18.65 8.49
C PRO D 62 15.04 19.28 7.42
N TRP D 63 14.54 20.25 6.65
CA TRP D 63 15.34 20.78 5.54
C TRP D 63 16.43 21.73 6.04
N VAL D 64 16.37 22.11 7.32
CA VAL D 64 17.48 22.83 7.95
C VAL D 64 18.57 21.85 8.40
N LEU D 65 18.15 20.61 8.53
CA LEU D 65 18.91 19.57 9.20
C LEU D 65 20.17 19.04 8.48
N PRO D 66 20.12 18.90 7.14
CA PRO D 66 21.26 18.49 6.31
C PRO D 66 22.54 19.25 6.61
N ASN D 67 22.41 20.54 6.88
CA ASN D 67 23.55 21.37 7.23
C ASN D 67 24.08 21.10 8.66
N LYS D 68 23.20 20.54 9.49
CA LYS D 68 23.51 20.20 10.89
C LYS D 68 24.11 18.81 11.14
N ALA D 69 24.22 18.03 10.07
CA ALA D 69 24.80 16.67 10.10
C ALA D 69 26.31 16.71 9.88
N LEU D 70 27.05 15.84 10.55
CA LEU D 70 28.52 15.88 10.41
C LEU D 70 29.01 15.48 9.01
N PHE D 71 28.18 14.71 8.28
CA PHE D 71 28.42 14.33 6.88
C PHE D 71 27.11 13.70 6.35
N GLY D 72 27.05 13.40 5.06
CA GLY D 72 25.87 12.74 4.51
C GLY D 72 25.52 13.27 3.12
N GLU D 73 24.94 12.39 2.30
CA GLU D 73 24.63 12.77 0.93
C GLU D 73 23.18 12.91 0.47
N LYS D 74 22.37 11.93 0.81
CA LYS D 74 20.93 11.97 0.62
C LYS D 74 20.21 11.49 1.90
N GLU D 75 21.03 11.09 2.89
CA GLU D 75 20.58 10.68 4.22
C GLU D 75 21.44 11.26 5.32
N TRP D 76 20.81 11.50 6.45
CA TRP D 76 21.51 12.01 7.60
C TRP D 76 21.05 11.27 8.85
N TYR D 77 21.96 11.15 9.81
CA TYR D 77 21.64 10.42 11.02
C TYR D 77 21.84 11.31 12.22
N PHE D 78 20.95 11.16 13.18
CA PHE D 78 21.06 11.92 14.41
C PHE D 78 20.71 11.14 15.66
N PHE D 79 21.17 11.64 16.80
CA PHE D 79 20.65 11.24 18.10
C PHE D 79 19.82 12.40 18.61
N SER D 80 18.63 12.08 19.11
CA SER D 80 17.69 13.08 19.61
C SER D 80 17.14 12.60 20.92
N PRO D 81 16.84 13.53 21.81
CA PRO D 81 16.47 13.12 23.16
C PRO D 81 15.24 12.23 23.10
N ARG D 82 15.30 11.11 23.82
CA ARG D 82 14.19 10.18 23.92
C ARG D 82 13.08 10.89 24.69
N ASP D 83 11.85 10.80 24.19
CA ASP D 83 10.73 11.49 24.84
C ASP D 83 10.25 10.73 26.07
N PRO D 92 3.98 12.10 20.89
CA PRO D 92 3.12 11.85 19.72
C PRO D 92 2.89 13.10 18.85
N ASN D 93 2.98 12.91 17.52
CA ASN D 93 3.03 14.02 16.55
C ASN D 93 3.68 15.21 17.23
N ARG D 94 4.95 15.03 17.54
CA ARG D 94 5.73 16.08 18.13
C ARG D 94 6.05 17.11 17.09
N VAL D 95 5.73 18.35 17.44
CA VAL D 95 5.88 19.49 16.54
C VAL D 95 7.34 19.72 16.25
N ALA D 96 7.64 20.04 15.00
CA ALA D 96 8.96 20.50 14.66
C ALA D 96 8.78 21.47 13.50
N GLY D 97 9.23 22.69 13.73
CA GLY D 97 9.13 23.75 12.75
C GLY D 97 7.69 24.06 12.37
N SER D 98 7.40 24.02 11.08
CA SER D 98 6.09 24.38 10.54
C SER D 98 5.22 23.16 10.38
N GLY D 99 5.58 22.08 11.07
CA GLY D 99 4.88 20.82 10.92
C GLY D 99 4.90 19.82 12.06
N TYR D 100 4.80 18.56 11.68
CA TYR D 100 4.72 17.44 12.61
C TYR D 100 5.20 16.19 11.89
N TRP D 101 5.78 15.26 12.64
CA TRP D 101 6.24 14.02 12.04
C TRP D 101 5.19 13.00 12.26
N LYS D 102 4.78 12.37 11.16
CA LYS D 102 3.70 11.41 11.25
C LYS D 102 4.19 10.01 10.90
N ALA D 103 3.90 9.12 11.84
CA ALA D 103 4.14 7.71 11.76
C ALA D 103 3.42 7.08 10.60
N THR D 104 4.14 6.21 9.91
CA THR D 104 3.64 5.54 8.73
C THR D 104 4.14 4.10 8.77
N GLY D 105 3.46 3.22 8.06
CA GLY D 105 3.91 1.84 7.94
C GLY D 105 3.87 1.04 9.22
N THR D 106 4.71 0.01 9.27
CA THR D 106 4.70 -0.95 10.37
C THR D 106 5.97 -0.82 11.20
N ASP D 107 5.80 -0.57 12.49
CA ASP D 107 6.96 -0.54 13.36
C ASP D 107 7.54 -1.94 13.23
N LYS D 108 8.86 -2.00 13.17
CA LYS D 108 9.61 -3.24 12.96
C LYS D 108 10.40 -3.63 14.19
N ILE D 109 10.48 -4.93 14.46
CA ILE D 109 11.30 -5.37 15.57
C ILE D 109 12.65 -5.69 14.97
N ILE D 110 13.69 -5.17 15.62
CA ILE D 110 15.05 -5.42 15.21
C ILE D 110 15.65 -6.45 16.16
N SER D 111 16.25 -7.50 15.60
CA SER D 111 16.81 -8.56 16.41
C SER D 111 18.29 -8.76 16.13
N THR D 112 19.01 -9.18 17.17
CA THR D 112 20.40 -9.58 17.03
C THR D 112 20.63 -10.93 17.64
N GLU D 113 21.20 -11.82 16.82
CA GLU D 113 21.56 -13.15 17.21
C GLU D 113 20.37 -13.78 17.92
N GLY D 114 19.20 -13.58 17.32
CA GLY D 114 17.96 -14.12 17.85
C GLY D 114 17.49 -13.43 19.12
N GLN D 115 18.14 -12.34 19.51
CA GLN D 115 17.67 -11.61 20.67
C GLN D 115 17.12 -10.28 20.17
N ARG D 116 15.99 -9.85 20.72
CA ARG D 116 15.42 -8.56 20.34
C ARG D 116 16.09 -7.38 21.07
N VAL D 117 16.62 -6.43 20.28
CA VAL D 117 17.37 -5.26 20.79
C VAL D 117 16.75 -3.89 20.48
N GLY D 118 15.98 -3.80 19.40
CA GLY D 118 15.41 -2.53 18.95
C GLY D 118 14.12 -2.57 18.12
N ILE D 119 13.51 -1.40 17.98
CA ILE D 119 12.32 -1.21 17.15
C ILE D 119 12.54 -0.12 16.09
N LYS D 120 12.17 -0.39 14.84
CA LYS D 120 12.25 0.62 13.76
C LYS D 120 10.88 1.22 13.44
N LYS D 121 10.83 2.55 13.46
CA LYS D 121 9.61 3.33 13.24
C LYS D 121 9.78 4.28 12.05
N ALA D 122 8.80 4.25 11.15
CA ALA D 122 8.77 5.12 9.98
C ALA D 122 8.00 6.39 10.26
N LEU D 123 8.48 7.52 9.74
CA LEU D 123 7.71 8.75 9.84
C LEU D 123 7.75 9.62 8.60
N VAL D 124 6.73 10.48 8.48
CA VAL D 124 6.62 11.43 7.37
C VAL D 124 6.44 12.84 7.92
N PHE D 125 7.08 13.84 7.31
CA PHE D 125 6.93 15.22 7.79
C PHE D 125 5.72 15.83 7.09
N TYR D 126 4.77 16.39 7.84
CA TYR D 126 3.71 17.17 7.23
C TYR D 126 3.92 18.63 7.58
N ILE D 127 3.73 19.52 6.59
CA ILE D 127 3.74 20.97 6.83
C ILE D 127 2.35 21.54 7.16
N GLY D 128 2.32 22.44 8.13
CA GLY D 128 1.07 23.06 8.55
C GLY D 128 0.71 22.55 9.92
N LYS D 129 -0.59 22.55 10.23
CA LYS D 129 -1.02 22.34 11.60
C LYS D 129 -1.95 21.11 11.54
N ALA D 130 -1.64 20.11 12.36
CA ALA D 130 -2.40 18.86 12.42
C ALA D 130 -3.87 19.06 12.78
N PRO D 131 -4.74 18.21 12.22
CA PRO D 131 -4.48 17.18 11.22
C PRO D 131 -4.90 17.69 9.86
N LYS D 132 -4.54 18.94 9.61
CA LYS D 132 -4.97 19.63 8.42
C LYS D 132 -3.74 20.00 7.58
N GLY D 133 -2.66 19.27 7.80
CA GLY D 133 -1.40 19.56 7.14
C GLY D 133 -1.40 18.86 5.80
N THR D 134 -0.47 19.23 4.92
CA THR D 134 -0.34 18.48 3.69
C THR D 134 0.97 17.70 3.78
N LYS D 135 0.93 16.44 3.38
CA LYS D 135 2.10 15.56 3.42
C LYS D 135 3.17 16.07 2.46
N THR D 136 4.43 15.98 2.90
CA THR D 136 5.59 16.27 2.06
C THR D 136 6.46 15.03 1.84
N ASN D 137 7.56 15.20 1.07
CA ASN D 137 8.51 14.12 0.84
C ASN D 137 9.61 13.91 1.87
N TRP D 138 9.63 14.72 2.93
CA TRP D 138 10.63 14.53 3.98
C TRP D 138 10.29 13.33 4.86
N ILE D 139 11.23 12.38 4.98
CA ILE D 139 11.01 11.16 5.77
C ILE D 139 11.96 10.99 6.96
N MET D 140 11.45 10.41 8.04
CA MET D 140 12.27 10.01 9.18
C MET D 140 12.12 8.53 9.52
N HIS D 141 13.23 7.88 9.88
CA HIS D 141 13.15 6.55 10.50
C HIS D 141 13.63 6.65 11.94
N GLU D 142 12.71 6.42 12.89
CA GLU D 142 13.07 6.55 14.30
C GLU D 142 13.27 5.18 14.91
N TYR D 143 14.52 4.92 15.28
CA TYR D 143 14.97 3.72 15.98
C TYR D 143 15.18 3.88 17.49
N ARG D 144 14.58 2.99 18.27
CA ARG D 144 14.72 2.99 19.71
C ARG D 144 15.06 1.56 20.19
N LEU D 145 15.83 1.46 21.26
CA LEU D 145 16.14 0.17 21.88
C LEU D 145 15.00 -0.35 22.68
N ILE D 146 14.85 -1.67 22.70
CA ILE D 146 13.95 -2.25 23.68
C ILE D 146 14.64 -2.30 25.05
N GLU D 147 14.31 -1.35 25.92
CA GLU D 147 14.82 -1.30 27.29
C GLU D 147 14.10 -0.27 28.16
N PRO D 148 13.89 -0.58 29.45
CA PRO D 148 13.21 0.19 30.49
C PRO D 148 13.73 1.63 30.66
N SER D 149 13.07 2.41 31.53
CA SER D 149 13.55 3.73 31.92
C SER D 149 14.64 3.62 32.98
N ASP D 158 23.51 8.52 28.80
CA ASP D 158 22.28 9.21 28.41
C ASP D 158 21.39 8.37 27.46
N ASP D 159 20.17 8.85 27.25
CA ASP D 159 19.02 8.07 26.74
C ASP D 159 18.50 8.76 25.48
N TRP D 160 18.87 8.18 24.33
CA TRP D 160 18.62 8.75 23.00
C TRP D 160 17.81 7.84 22.07
N VAL D 161 17.18 8.43 21.05
CA VAL D 161 16.79 7.64 19.88
C VAL D 161 17.71 8.03 18.73
N LEU D 162 17.95 7.11 17.80
CA LEU D 162 18.71 7.43 16.60
C LEU D 162 17.82 7.57 15.37
N CYS D 163 17.89 8.71 14.70
CA CYS D 163 16.98 9.00 13.58
C CYS D 163 17.73 9.25 12.26
N ARG D 164 17.27 8.56 11.24
CA ARG D 164 17.66 8.87 9.88
C ARG D 164 16.70 9.79 9.18
N ILE D 165 17.25 10.81 8.56
CA ILE D 165 16.44 11.70 7.75
C ILE D 165 16.85 11.67 6.33
N TYR D 166 15.86 11.63 5.44
CA TYR D 166 16.07 11.81 4.01
C TYR D 166 14.85 12.31 3.26
N LYS D 167 15.04 12.71 2.01
CA LYS D 167 13.96 13.20 1.18
C LYS D 167 13.61 12.33 -0.04
N LYS D 168 12.34 11.93 -0.12
CA LYS D 168 11.80 11.16 -1.25
C LYS D 168 11.98 11.92 -2.56
N GLN D 169 12.20 11.18 -3.65
CA GLN D 169 12.20 11.75 -5.01
C GLN D 169 13.46 12.58 -5.30
AU AU G . -22.08 -21.41 -13.79
AU AU H . -19.72 12.20 -22.42
AU AU I . -22.27 -19.98 -10.45
AU AU J . -33.43 18.33 7.83
AU AU K . 34.58 7.35 -18.14
AU AU L . 27.68 -25.37 -1.99
AU AU M . 29.36 -10.28 -17.09
AU AU N . 28.82 -26.92 -9.26
AU AU O . 21.11 -4.29 22.69
#